data_4IUH
#
_entry.id   4IUH
#
_cell.length_a   85.490
_cell.length_b   85.490
_cell.length_c   91.540
_cell.angle_alpha   90.00
_cell.angle_beta   90.00
_cell.angle_gamma   90.00
#
_symmetry.space_group_name_H-M   'P 43 21 2'
#
loop_
_entity.id
_entity.type
_entity.pdbx_description
1 polymer 'NreA protein'
2 non-polymer 'IODIDE ION'
3 water water
#
_entity_poly.entity_id   1
_entity_poly.type   'polypeptide(L)'
_entity_poly.pdbx_seq_one_letter_code
;MRGSHHHHHHTDPLNSVIASDYFDYQDALDEIRETEKFDFAAIALPEDGLHSAVIKWKYASGNINYRYRMIVLRPGKGLA
GLVIRTGSRKIVEDVDAELSQNDKLGYPIVLSEALTAMVAIPLWKNNRVYGALLLGQREGRPLPEGSTTFRINQRLGSFT
DEINKQP
;
_entity_poly.pdbx_strand_id   A,B
#
loop_
_chem_comp.id
_chem_comp.type
_chem_comp.name
_chem_comp.formula
IOD non-polymer 'IODIDE ION' 'I -1'
#
# COMPACT_ATOMS: atom_id res chain seq x y z
N PHE A 23 34.14 -16.13 2.37
CA PHE A 23 33.76 -14.72 2.48
C PHE A 23 32.90 -14.27 1.29
N ASP A 24 31.59 -14.26 1.49
CA ASP A 24 30.67 -13.87 0.42
C ASP A 24 30.04 -12.51 0.69
N TYR A 25 29.11 -12.11 -0.17
CA TYR A 25 28.50 -10.78 -0.06
C TYR A 25 27.81 -10.53 1.27
N GLN A 26 27.28 -11.61 1.87
CA GLN A 26 26.63 -11.50 3.16
C GLN A 26 27.59 -10.98 4.24
N ASP A 27 28.80 -11.53 4.26
CA ASP A 27 29.81 -11.11 5.22
C ASP A 27 30.22 -9.66 4.99
N ALA A 28 30.40 -9.29 3.74
CA ALA A 28 30.79 -7.92 3.41
C ALA A 28 29.70 -6.92 3.81
N LEU A 29 28.45 -7.32 3.62
CA LEU A 29 27.30 -6.50 3.99
C LEU A 29 27.22 -6.33 5.50
N ASP A 30 27.41 -7.43 6.23
CA ASP A 30 27.43 -7.39 7.68
C ASP A 30 28.52 -6.47 8.22
N GLU A 31 29.72 -6.56 7.65
CA GLU A 31 30.82 -5.68 8.04
C GLU A 31 30.44 -4.22 7.86
N ILE A 32 29.94 -3.88 6.68
CA ILE A 32 29.55 -2.50 6.38
C ILE A 32 28.53 -1.97 7.39
N ARG A 33 27.47 -2.75 7.62
CA ARG A 33 26.40 -2.32 8.52
C ARG A 33 26.89 -2.13 9.94
N GLU A 34 27.62 -3.11 10.46
CA GLU A 34 28.12 -3.08 11.84
C GLU A 34 29.09 -1.92 12.05
N THR A 35 30.06 -1.81 11.17
CA THR A 35 31.14 -0.83 11.32
C THR A 35 30.66 0.61 11.08
N GLU A 36 29.71 0.79 10.18
CA GLU A 36 29.23 2.14 9.90
C GLU A 36 28.09 2.54 10.84
N LYS A 37 27.68 1.60 11.69
CA LYS A 37 26.63 1.81 12.69
C LYS A 37 25.26 2.09 12.06
N PHE A 38 24.81 1.19 11.20
CA PHE A 38 23.45 1.24 10.67
C PHE A 38 22.59 0.13 11.29
N ASP A 39 21.30 0.37 11.38
CA ASP A 39 20.36 -0.65 11.84
C ASP A 39 20.09 -1.72 10.76
N PHE A 40 20.23 -1.34 9.50
CA PHE A 40 19.81 -2.19 8.39
C PHE A 40 20.68 -1.96 7.16
N ALA A 41 20.94 -3.03 6.42
CA ALA A 41 21.64 -2.94 5.14
C ALA A 41 21.13 -4.02 4.19
N ALA A 42 21.11 -3.72 2.90
CA ALA A 42 20.68 -4.69 1.91
C ALA A 42 21.29 -4.43 0.54
N ILE A 43 21.43 -5.49 -0.25
CA ILE A 43 21.92 -5.37 -1.61
C ILE A 43 20.84 -5.81 -2.60
N ALA A 44 20.55 -4.93 -3.55
CA ALA A 44 19.62 -5.22 -4.63
C ALA A 44 20.42 -5.57 -5.87
N LEU A 45 20.12 -6.71 -6.47
CA LEU A 45 20.87 -7.18 -7.65
C LEU A 45 19.93 -7.71 -8.73
N PRO A 46 20.37 -7.60 -10.00
CA PRO A 46 19.58 -8.11 -11.13
C PRO A 46 19.54 -9.64 -11.17
N GLU A 47 18.41 -10.18 -11.61
CA GLU A 47 18.17 -11.63 -11.63
C GLU A 47 17.32 -11.94 -12.86
N ASP A 48 17.36 -13.19 -13.32
CA ASP A 48 16.57 -13.59 -14.50
C ASP A 48 15.09 -13.83 -14.20
N GLY A 49 14.23 -13.22 -15.01
CA GLY A 49 12.81 -13.53 -15.00
C GLY A 49 12.40 -14.09 -16.34
N LEU A 50 11.30 -14.85 -16.38
CA LEU A 50 10.86 -15.49 -17.62
C LEU A 50 10.53 -14.49 -18.72
N HIS A 51 10.16 -13.27 -18.31
CA HIS A 51 9.86 -12.21 -19.27
C HIS A 51 11.09 -11.33 -19.48
N SER A 52 11.45 -10.61 -18.43
CA SER A 52 12.62 -9.72 -18.46
C SER A 52 13.43 -9.90 -17.19
N ALA A 53 14.52 -9.16 -17.08
CA ALA A 53 15.30 -9.15 -15.85
C ALA A 53 14.49 -8.47 -14.75
N VAL A 54 14.68 -8.93 -13.51
CA VAL A 54 14.05 -8.29 -12.37
C VAL A 54 15.10 -7.96 -11.31
N ILE A 55 14.74 -7.10 -10.37
CA ILE A 55 15.60 -6.77 -9.25
C ILE A 55 15.03 -7.34 -7.96
N LYS A 56 15.90 -7.99 -7.19
CA LYS A 56 15.50 -8.51 -5.89
C LYS A 56 16.51 -8.07 -4.86
N TRP A 57 16.05 -7.89 -3.63
CA TRP A 57 16.95 -7.68 -2.51
C TRP A 57 17.55 -9.04 -2.13
N LYS A 58 18.67 -9.37 -2.76
CA LYS A 58 19.28 -10.69 -2.66
C LYS A 58 19.93 -10.91 -1.29
N TYR A 59 20.54 -9.87 -0.72
CA TYR A 59 21.16 -9.96 0.59
C TYR A 59 20.63 -8.88 1.53
N ALA A 60 20.40 -9.25 2.78
CA ALA A 60 20.00 -8.30 3.80
C ALA A 60 20.74 -8.55 5.13
N SER A 61 20.96 -7.48 5.87
CA SER A 61 21.66 -7.55 7.16
C SER A 61 20.92 -6.68 8.18
N GLY A 62 20.56 -7.28 9.31
CA GLY A 62 19.85 -6.56 10.35
C GLY A 62 18.38 -6.42 10.05
N ASN A 63 17.89 -7.25 9.13
CA ASN A 63 16.47 -7.27 8.80
C ASN A 63 15.63 -7.66 10.01
N ILE A 64 14.45 -7.06 10.15
CA ILE A 64 13.57 -7.38 11.27
C ILE A 64 12.56 -8.47 10.92
N ASN A 65 12.36 -8.69 9.63
CA ASN A 65 11.58 -9.84 9.15
C ASN A 65 12.09 -10.28 7.80
N TYR A 66 11.34 -11.16 7.12
CA TYR A 66 11.78 -11.68 5.83
C TYR A 66 10.91 -11.23 4.66
N ARG A 67 10.14 -10.17 4.85
CA ARG A 67 9.25 -9.68 3.79
C ARG A 67 10.01 -9.12 2.58
N TYR A 68 11.24 -8.66 2.81
CA TYR A 68 12.05 -8.10 1.74
C TYR A 68 12.27 -9.13 0.63
N ARG A 69 12.29 -10.41 1.01
CA ARG A 69 12.51 -11.51 0.06
C ARG A 69 11.41 -11.61 -0.98
N MET A 70 10.20 -11.21 -0.61
CA MET A 70 9.06 -11.30 -1.50
C MET A 70 9.03 -10.16 -2.51
N ILE A 71 9.91 -9.19 -2.34
CA ILE A 71 9.93 -8.03 -3.22
C ILE A 71 10.57 -8.37 -4.56
N VAL A 72 9.81 -8.15 -5.63
CA VAL A 72 10.32 -8.33 -6.98
C VAL A 72 10.01 -7.08 -7.78
N LEU A 73 11.06 -6.37 -8.19
CA LEU A 73 10.90 -5.11 -8.90
C LEU A 73 11.11 -5.30 -10.39
N ARG A 74 10.16 -4.80 -11.18
CA ARG A 74 10.35 -4.69 -12.61
C ARG A 74 11.44 -3.63 -12.84
N PRO A 75 12.06 -3.63 -14.03
CA PRO A 75 13.08 -2.63 -14.35
C PRO A 75 12.64 -1.19 -14.07
N GLY A 76 13.46 -0.46 -13.32
CA GLY A 76 13.22 0.94 -13.06
C GLY A 76 12.35 1.21 -11.86
N LYS A 77 11.82 0.14 -11.26
CA LYS A 77 10.86 0.27 -10.19
C LYS A 77 11.49 0.16 -8.79
N GLY A 78 10.83 0.75 -7.81
CA GLY A 78 11.31 0.68 -6.45
C GLY A 78 12.48 1.62 -6.20
N LEU A 79 12.97 1.59 -4.97
CA LEU A 79 14.09 2.43 -4.59
C LEU A 79 15.35 2.00 -5.33
N ALA A 80 15.56 0.69 -5.44
CA ALA A 80 16.70 0.16 -6.19
C ALA A 80 16.67 0.64 -7.64
N GLY A 81 15.47 0.67 -8.23
CA GLY A 81 15.30 1.07 -9.61
C GLY A 81 15.63 2.53 -9.85
N LEU A 82 15.26 3.37 -8.89
CA LEU A 82 15.54 4.80 -8.99
C LEU A 82 17.04 5.03 -9.06
N VAL A 83 17.75 4.35 -8.17
CA VAL A 83 19.19 4.49 -8.03
C VAL A 83 19.89 3.95 -9.27
N ILE A 84 19.45 2.79 -9.75
CA ILE A 84 19.99 2.22 -10.98
C ILE A 84 19.74 3.13 -12.18
N ARG A 85 18.53 3.68 -12.28
CA ARG A 85 18.20 4.63 -13.34
C ARG A 85 19.10 5.86 -13.36
N THR A 86 19.11 6.60 -12.25
CA THR A 86 19.85 7.86 -12.18
C THR A 86 21.35 7.63 -12.10
N GLY A 87 21.74 6.45 -11.60
CA GLY A 87 23.14 6.16 -11.38
C GLY A 87 23.78 6.99 -10.27
N SER A 88 22.95 7.72 -9.52
CA SER A 88 23.44 8.53 -8.41
C SER A 88 22.74 8.17 -7.10
N ARG A 89 23.38 8.45 -5.97
CA ARG A 89 22.86 8.00 -4.69
C ARG A 89 21.63 8.80 -4.28
N LYS A 90 20.79 8.20 -3.43
CA LYS A 90 19.66 8.91 -2.84
C LYS A 90 19.78 8.93 -1.33
N ILE A 91 19.66 10.12 -0.74
CA ILE A 91 19.82 10.27 0.70
C ILE A 91 18.54 10.79 1.33
N VAL A 92 18.03 10.04 2.31
CA VAL A 92 16.83 10.46 3.01
C VAL A 92 17.07 10.52 4.51
N GLU A 93 17.28 11.73 5.03
CA GLU A 93 17.54 11.92 6.45
C GLU A 93 16.32 11.58 7.29
N ASP A 94 15.13 11.89 6.77
CA ASP A 94 13.88 11.73 7.52
C ASP A 94 12.79 11.18 6.61
N VAL A 95 12.62 9.86 6.66
CA VAL A 95 11.67 9.19 5.77
C VAL A 95 10.24 9.68 5.96
N ASP A 96 9.81 9.78 7.21
CA ASP A 96 8.44 10.17 7.53
C ASP A 96 8.07 11.54 6.98
N ALA A 97 9.04 12.44 6.96
CA ALA A 97 8.80 13.82 6.58
C ALA A 97 9.16 14.14 5.13
N GLU A 98 10.10 13.38 4.55
CA GLU A 98 10.62 13.69 3.22
C GLU A 98 9.96 12.92 2.08
N LEU A 99 9.43 11.73 2.37
CA LEU A 99 8.74 10.93 1.36
C LEU A 99 7.23 11.11 1.42
N SER A 100 6.61 11.29 0.25
CA SER A 100 5.16 11.32 0.15
C SER A 100 4.58 9.92 0.37
N GLN A 101 3.25 9.87 0.52
CA GLN A 101 2.55 8.61 0.64
C GLN A 101 2.84 7.72 -0.58
N ASN A 102 2.73 8.30 -1.78
CA ASN A 102 3.03 7.58 -3.01
C ASN A 102 4.46 7.03 -3.04
N ASP A 103 5.43 7.84 -2.60
CA ASP A 103 6.83 7.40 -2.51
C ASP A 103 6.97 6.16 -1.64
N LYS A 104 6.44 6.21 -0.43
CA LYS A 104 6.55 5.08 0.50
C LYS A 104 5.92 3.81 -0.07
N LEU A 105 4.73 3.95 -0.67
CA LEU A 105 4.07 2.82 -1.32
C LEU A 105 4.91 2.29 -2.47
N GLY A 106 5.67 3.16 -3.12
CA GLY A 106 6.53 2.76 -4.21
C GLY A 106 7.87 2.17 -3.76
N TYR A 107 8.19 2.29 -2.48
CA TYR A 107 9.43 1.73 -1.94
C TYR A 107 9.13 0.72 -0.83
N PRO A 108 8.62 -0.47 -1.20
CA PRO A 108 8.14 -1.44 -0.21
C PRO A 108 9.15 -1.88 0.87
N ILE A 109 10.45 -1.87 0.59
CA ILE A 109 11.40 -2.29 1.63
C ILE A 109 11.45 -1.26 2.76
N VAL A 110 11.15 0.00 2.42
CA VAL A 110 11.11 1.07 3.40
C VAL A 110 10.03 0.82 4.44
N LEU A 111 8.89 0.31 3.99
CA LEU A 111 7.77 0.00 4.87
C LEU A 111 7.96 -1.34 5.59
N SER A 112 8.42 -2.35 4.86
CA SER A 112 8.61 -3.68 5.46
C SER A 112 9.69 -3.67 6.55
N GLU A 113 10.70 -2.83 6.42
CA GLU A 113 11.75 -2.78 7.43
C GLU A 113 11.66 -1.59 8.37
N ALA A 114 10.58 -0.80 8.24
CA ALA A 114 10.31 0.34 9.12
C ALA A 114 11.47 1.33 9.20
N LEU A 115 12.03 1.67 8.05
CA LEU A 115 13.17 2.57 7.99
C LEU A 115 12.75 4.01 8.21
N THR A 116 13.51 4.72 9.04
CA THR A 116 13.21 6.12 9.34
C THR A 116 14.23 7.05 8.70
N ALA A 117 15.33 6.47 8.23
CA ALA A 117 16.35 7.23 7.51
C ALA A 117 17.14 6.26 6.63
N MET A 118 17.61 6.71 5.47
CA MET A 118 18.34 5.81 4.57
C MET A 118 19.25 6.50 3.55
N VAL A 119 20.26 5.74 3.12
CA VAL A 119 21.10 6.10 1.99
C VAL A 119 21.10 4.92 1.02
N ALA A 120 20.82 5.20 -0.25
CA ALA A 120 20.81 4.17 -1.27
C ALA A 120 21.91 4.52 -2.25
N ILE A 121 22.83 3.59 -2.49
CA ILE A 121 23.99 3.88 -3.34
C ILE A 121 24.07 2.97 -4.55
N PRO A 122 24.19 3.57 -5.75
CA PRO A 122 24.34 2.79 -6.99
C PRO A 122 25.59 1.93 -6.97
N LEU A 123 25.42 0.66 -7.30
CA LEU A 123 26.53 -0.26 -7.43
C LEU A 123 26.92 -0.40 -8.90
N TRP A 124 28.15 -0.05 -9.22
CA TRP A 124 28.65 -0.13 -10.58
C TRP A 124 29.52 -1.36 -10.79
N LYS A 125 29.32 -2.01 -11.93
CA LYS A 125 30.18 -3.10 -12.36
C LYS A 125 30.61 -2.76 -13.79
N ASN A 126 31.91 -2.86 -14.05
CA ASN A 126 32.49 -2.32 -15.27
C ASN A 126 32.18 -0.81 -15.35
N ASN A 127 31.77 -0.35 -16.51
CA ASN A 127 31.40 1.05 -16.66
C ASN A 127 29.89 1.25 -16.70
N ARG A 128 29.15 0.35 -16.05
CA ARG A 128 27.69 0.40 -16.08
C ARG A 128 27.05 0.26 -14.71
N VAL A 129 25.91 0.94 -14.52
CA VAL A 129 25.14 0.82 -13.28
C VAL A 129 24.55 -0.56 -13.23
N TYR A 130 24.39 -1.11 -12.04
CA TYR A 130 24.10 -2.54 -11.93
C TYR A 130 23.09 -2.85 -10.82
N GLY A 131 23.44 -2.47 -9.59
CA GLY A 131 22.60 -2.79 -8.46
C GLY A 131 22.54 -1.63 -7.49
N ALA A 132 22.14 -1.90 -6.25
CA ALA A 132 22.04 -0.86 -5.26
C ALA A 132 22.39 -1.37 -3.87
N LEU A 133 23.09 -0.54 -3.11
CA LEU A 133 23.29 -0.81 -1.70
C LEU A 133 22.40 0.11 -0.91
N LEU A 134 21.63 -0.45 0.03
CA LEU A 134 20.77 0.34 0.90
C LEU A 134 21.28 0.31 2.33
N LEU A 135 21.52 1.47 2.91
CA LEU A 135 21.92 1.58 4.30
C LEU A 135 20.81 2.34 5.03
N GLY A 136 20.23 1.72 6.06
CA GLY A 136 19.06 2.30 6.70
C GLY A 136 19.11 2.36 8.22
N GLN A 137 18.34 3.30 8.78
CA GLN A 137 18.18 3.43 10.23
C GLN A 137 16.72 3.23 10.61
N ARG A 138 16.49 2.89 11.88
CA ARG A 138 15.13 2.81 12.41
C ARG A 138 14.97 3.73 13.61
N GLU A 139 13.73 3.92 14.02
CA GLU A 139 13.41 4.57 15.29
C GLU A 139 14.04 5.93 15.49
N GLY A 140 14.07 6.73 14.43
CA GLY A 140 14.50 8.11 14.53
C GLY A 140 16.00 8.34 14.58
N ARG A 141 16.79 7.27 14.56
CA ARG A 141 18.24 7.39 14.62
C ARG A 141 18.78 8.05 13.34
N PRO A 142 19.53 9.15 13.50
CA PRO A 142 20.02 9.89 12.33
C PRO A 142 21.01 9.08 11.52
N LEU A 143 21.14 9.42 10.24
CA LEU A 143 22.21 8.88 9.42
C LEU A 143 23.53 9.32 10.04
N PRO A 144 24.50 8.39 10.12
CA PRO A 144 25.82 8.73 10.66
C PRO A 144 26.47 9.81 9.82
N GLU A 145 27.24 10.68 10.45
CA GLU A 145 27.86 11.80 9.75
C GLU A 145 28.79 11.33 8.65
N GLY A 146 28.66 11.92 7.47
CA GLY A 146 29.54 11.62 6.36
C GLY A 146 29.07 10.43 5.55
N SER A 147 28.04 9.74 6.03
CA SER A 147 27.51 8.57 5.34
C SER A 147 26.86 8.92 4.00
N THR A 148 26.86 10.21 3.68
CA THR A 148 26.38 10.67 2.38
C THR A 148 27.51 10.61 1.35
N THR A 149 28.74 10.79 1.81
CA THR A 149 29.92 10.77 0.98
C THR A 149 30.57 9.37 1.04
N PHE A 150 29.83 8.43 1.63
CA PHE A 150 30.28 7.05 1.83
C PHE A 150 30.74 6.36 0.53
N ARG A 151 31.84 5.62 0.62
CA ARG A 151 32.42 4.96 -0.55
C ARG A 151 32.21 3.44 -0.56
N ILE A 152 31.79 2.93 -1.72
CA ILE A 152 31.65 1.49 -1.93
C ILE A 152 33.00 0.84 -2.17
N ASN A 153 33.76 1.43 -3.08
CA ASN A 153 34.98 0.85 -3.64
C ASN A 153 35.90 0.14 -2.65
N GLN A 154 36.35 -1.05 -3.04
CA GLN A 154 37.22 -1.90 -2.23
C GLN A 154 36.60 -2.22 -0.88
N ARG A 155 35.32 -2.56 -0.86
CA ARG A 155 34.65 -2.93 0.37
C ARG A 155 33.46 -3.84 0.12
N LEU A 156 33.14 -4.01 -1.16
CA LEU A 156 32.02 -4.87 -1.55
C LEU A 156 32.35 -5.55 -2.88
N GLY A 157 33.45 -6.28 -2.90
CA GLY A 157 33.85 -7.03 -4.08
C GLY A 157 34.29 -6.16 -5.24
N SER A 158 33.74 -6.44 -6.41
CA SER A 158 34.11 -5.74 -7.63
C SER A 158 33.25 -4.50 -7.88
N PHE A 159 32.32 -4.24 -6.97
CA PHE A 159 31.42 -3.10 -7.15
C PHE A 159 32.10 -1.78 -6.78
N THR A 160 31.73 -0.73 -7.49
CA THR A 160 32.15 0.62 -7.14
C THR A 160 30.91 1.50 -7.09
N ASP A 161 31.08 2.74 -6.67
CA ASP A 161 29.94 3.66 -6.67
C ASP A 161 30.04 4.66 -7.83
N GLU A 162 29.21 5.70 -7.79
CA GLU A 162 29.10 6.64 -8.90
C GLU A 162 30.28 7.62 -8.94
N ILE A 163 30.97 7.75 -7.83
CA ILE A 163 32.08 8.70 -7.73
C ILE A 163 33.26 8.29 -8.63
N ASN A 164 33.70 9.22 -9.46
CA ASN A 164 34.72 9.04 -10.50
C ASN A 164 34.21 8.47 -11.83
N LYS A 165 32.89 8.46 -12.02
CA LYS A 165 32.31 7.98 -13.27
C LYS A 165 32.13 9.12 -14.29
N PHE B 23 -30.88 3.41 17.52
CA PHE B 23 -31.10 2.50 16.40
C PHE B 23 -29.98 1.47 16.26
N ASP B 24 -30.35 0.24 15.97
CA ASP B 24 -29.41 -0.87 15.89
C ASP B 24 -28.93 -1.08 14.45
N TYR B 25 -27.88 -0.34 14.06
CA TYR B 25 -27.34 -0.43 12.70
C TYR B 25 -26.75 -1.80 12.38
N GLN B 26 -26.13 -2.43 13.38
CA GLN B 26 -25.49 -3.72 13.19
C GLN B 26 -26.51 -4.81 12.86
N ASP B 27 -27.68 -4.72 13.48
CA ASP B 27 -28.72 -5.71 13.28
C ASP B 27 -29.29 -5.60 11.88
N ALA B 28 -29.58 -4.38 11.46
CA ALA B 28 -30.16 -4.14 10.14
C ALA B 28 -29.15 -4.47 9.03
N LEU B 29 -27.88 -4.23 9.29
CA LEU B 29 -26.83 -4.53 8.33
C LEU B 29 -26.73 -6.03 8.08
N ASP B 30 -26.68 -6.82 9.16
CA ASP B 30 -26.64 -8.27 9.05
C ASP B 30 -27.82 -8.79 8.23
N GLU B 31 -29.01 -8.27 8.54
CA GLU B 31 -30.24 -8.69 7.86
C GLU B 31 -30.18 -8.36 6.38
N ILE B 32 -29.78 -7.14 6.08
CA ILE B 32 -29.65 -6.72 4.70
C ILE B 32 -28.66 -7.63 3.96
N ARG B 33 -27.51 -7.88 4.55
CA ARG B 33 -26.49 -8.70 3.91
C ARG B 33 -27.01 -10.13 3.64
N GLU B 34 -27.68 -10.69 4.63
CA GLU B 34 -28.18 -12.07 4.53
C GLU B 34 -29.26 -12.23 3.47
N THR B 35 -30.20 -11.29 3.42
CA THR B 35 -31.33 -11.40 2.50
C THR B 35 -30.95 -11.02 1.07
N GLU B 36 -29.91 -10.20 0.93
CA GLU B 36 -29.43 -9.81 -0.40
C GLU B 36 -28.36 -10.77 -0.93
N LYS B 37 -27.96 -11.73 -0.09
CA LYS B 37 -26.97 -12.74 -0.48
C LYS B 37 -25.58 -12.16 -0.82
N PHE B 38 -25.09 -11.24 -0.01
CA PHE B 38 -23.73 -10.74 -0.17
C PHE B 38 -22.78 -11.38 0.83
N ASP B 39 -21.51 -11.51 0.45
CA ASP B 39 -20.49 -12.03 1.37
C ASP B 39 -20.13 -10.99 2.42
N PHE B 40 -20.33 -9.72 2.10
CA PHE B 40 -19.83 -8.64 2.94
C PHE B 40 -20.72 -7.40 2.87
N ALA B 41 -20.86 -6.73 4.00
CA ALA B 41 -21.58 -5.47 4.05
C ALA B 41 -20.96 -4.55 5.10
N ALA B 42 -20.96 -3.26 4.82
CA ALA B 42 -20.42 -2.29 5.77
C ALA B 42 -21.04 -0.93 5.57
N ILE B 43 -21.09 -0.17 6.67
CA ILE B 43 -21.62 1.17 6.68
C ILE B 43 -20.52 2.17 7.07
N ALA B 44 -20.30 3.16 6.21
CA ALA B 44 -19.37 4.22 6.52
C ALA B 44 -20.13 5.44 7.02
N LEU B 45 -19.70 5.97 8.17
CA LEU B 45 -20.34 7.13 8.77
C LEU B 45 -19.34 8.22 9.17
N PRO B 46 -19.79 9.48 9.24
CA PRO B 46 -18.90 10.60 9.55
C PRO B 46 -18.61 10.76 11.04
N GLU B 47 -17.37 11.11 11.37
CA GLU B 47 -16.99 11.45 12.74
C GLU B 47 -16.19 12.75 12.75
N ASP B 48 -16.02 13.32 13.94
CA ASP B 48 -15.33 14.60 14.09
C ASP B 48 -13.86 14.50 13.73
N ALA B 53 -13.18 16.50 10.51
CA ALA B 53 -14.25 15.59 10.09
C ALA B 53 -13.70 14.43 9.26
N VAL B 54 -13.96 13.21 9.73
CA VAL B 54 -13.49 12.01 9.04
C VAL B 54 -14.62 11.02 8.85
N ILE B 55 -14.44 10.10 7.90
CA ILE B 55 -15.38 9.01 7.69
C ILE B 55 -14.73 7.70 8.14
N LYS B 56 -15.46 6.90 8.91
CA LYS B 56 -14.98 5.58 9.28
C LYS B 56 -15.99 4.50 8.91
N TRP B 57 -15.50 3.29 8.69
CA TRP B 57 -16.38 2.13 8.54
C TRP B 57 -16.80 1.68 9.94
N LYS B 58 -17.92 2.20 10.41
CA LYS B 58 -18.34 2.00 11.79
C LYS B 58 -19.03 0.66 12.03
N TYR B 59 -19.67 0.13 10.99
CA TYR B 59 -20.36 -1.16 11.10
C TYR B 59 -19.99 -2.07 9.94
N ALA B 60 -19.74 -3.35 10.25
CA ALA B 60 -19.42 -4.32 9.22
C ALA B 60 -20.09 -5.66 9.50
N SER B 61 -20.39 -6.39 8.43
CA SER B 61 -21.04 -7.68 8.53
C SER B 61 -20.38 -8.65 7.55
N GLY B 62 -19.96 -9.80 8.05
CA GLY B 62 -19.31 -10.79 7.23
C GLY B 62 -17.83 -10.54 6.98
N ASN B 63 -17.23 -9.64 7.75
CA ASN B 63 -15.82 -9.28 7.59
C ASN B 63 -14.88 -10.44 7.91
N ILE B 64 -13.84 -10.61 7.11
CA ILE B 64 -12.89 -11.70 7.33
C ILE B 64 -11.75 -11.33 8.27
N ASN B 65 -11.59 -10.03 8.53
CA ASN B 65 -10.67 -9.56 9.55
C ASN B 65 -11.13 -8.20 10.06
N TYR B 66 -10.32 -7.55 10.89
CA TYR B 66 -10.75 -6.32 11.54
C TYR B 66 -10.01 -5.09 11.07
N ARG B 67 -9.15 -5.25 10.04
CA ARG B 67 -8.32 -4.15 9.57
C ARG B 67 -9.13 -2.98 9.01
N TYR B 68 -10.33 -3.28 8.49
CA TYR B 68 -11.23 -2.26 7.99
C TYR B 68 -11.46 -1.18 9.04
N ARG B 69 -11.47 -1.59 10.30
CA ARG B 69 -11.75 -0.70 11.42
C ARG B 69 -10.73 0.44 11.51
N MET B 70 -9.52 0.18 11.04
CA MET B 70 -8.42 1.13 11.14
C MET B 70 -8.48 2.24 10.08
N ILE B 71 -9.25 1.99 9.03
CA ILE B 71 -9.37 2.95 7.93
C ILE B 71 -10.00 4.25 8.41
N VAL B 72 -9.31 5.36 8.14
CA VAL B 72 -9.81 6.69 8.49
C VAL B 72 -9.77 7.55 7.25
N LEU B 73 -10.93 7.91 6.73
CA LEU B 73 -11.00 8.62 5.47
C LEU B 73 -11.23 10.12 5.68
N ARG B 74 -10.35 10.92 5.09
CA ARG B 74 -10.55 12.36 5.02
C ARG B 74 -11.68 12.63 4.04
N PRO B 75 -12.32 13.81 4.11
CA PRO B 75 -13.46 14.08 3.23
C PRO B 75 -13.12 13.88 1.76
N GLY B 76 -14.00 13.17 1.04
CA GLY B 76 -13.80 12.92 -0.38
C GLY B 76 -12.95 11.70 -0.67
N LYS B 77 -12.29 11.18 0.35
CA LYS B 77 -11.34 10.09 0.13
C LYS B 77 -11.97 8.71 0.31
N GLY B 78 -11.38 7.73 -0.35
CA GLY B 78 -11.84 6.36 -0.25
C GLY B 78 -13.12 6.12 -1.03
N LEU B 79 -13.61 4.89 -0.94
CA LEU B 79 -14.82 4.49 -1.63
C LEU B 79 -16.01 5.24 -1.07
N ALA B 80 -16.04 5.39 0.25
CA ALA B 80 -17.10 6.16 0.91
C ALA B 80 -17.08 7.61 0.44
N GLY B 81 -15.88 8.19 0.32
CA GLY B 81 -15.75 9.57 -0.07
C GLY B 81 -16.23 9.84 -1.49
N LEU B 82 -16.01 8.89 -2.38
CA LEU B 82 -16.43 9.07 -3.78
C LEU B 82 -17.94 9.16 -3.85
N VAL B 83 -18.58 8.24 -3.14
CA VAL B 83 -20.02 8.11 -3.14
C VAL B 83 -20.68 9.30 -2.44
N ILE B 84 -20.04 9.80 -1.39
CA ILE B 84 -20.50 11.01 -0.72
C ILE B 84 -20.42 12.25 -1.61
N ARG B 85 -19.30 12.40 -2.32
CA ARG B 85 -19.14 13.52 -3.27
C ARG B 85 -20.13 13.50 -4.41
N THR B 86 -20.22 12.37 -5.11
CA THR B 86 -21.11 12.23 -6.27
C THR B 86 -22.57 12.17 -5.87
N GLY B 87 -22.85 11.62 -4.70
CA GLY B 87 -24.21 11.38 -4.27
C GLY B 87 -24.87 10.27 -5.07
N SER B 88 -24.09 9.40 -5.70
CA SER B 88 -24.65 8.31 -6.47
C SER B 88 -23.86 7.02 -6.28
N ARG B 89 -24.50 5.89 -6.55
CA ARG B 89 -23.89 4.60 -6.29
C ARG B 89 -22.69 4.32 -7.21
N LYS B 90 -21.80 3.45 -6.75
CA LYS B 90 -20.75 2.96 -7.63
C LYS B 90 -20.83 1.44 -7.70
N ILE B 91 -20.81 0.92 -8.92
CA ILE B 91 -20.92 -0.51 -9.14
C ILE B 91 -19.64 -1.01 -9.78
N VAL B 92 -19.02 -2.01 -9.15
CA VAL B 92 -17.87 -2.66 -9.75
C VAL B 92 -18.17 -4.14 -9.84
N GLU B 93 -18.43 -4.62 -11.06
CA GLU B 93 -18.79 -6.02 -11.26
CA GLU B 93 -18.78 -6.02 -11.27
C GLU B 93 -17.58 -6.94 -11.11
N ASP B 94 -16.39 -6.44 -11.46
CA ASP B 94 -15.17 -7.24 -11.41
C ASP B 94 -13.97 -6.39 -10.97
N VAL B 95 -13.65 -6.47 -9.68
CA VAL B 95 -12.61 -5.63 -9.08
C VAL B 95 -11.25 -5.80 -9.72
N ASP B 96 -10.79 -7.03 -9.86
CA ASP B 96 -9.45 -7.29 -10.37
C ASP B 96 -9.27 -6.84 -11.82
N ALA B 97 -10.37 -6.69 -12.54
CA ALA B 97 -10.34 -6.34 -13.95
C ALA B 97 -10.51 -4.84 -14.18
N GLU B 98 -11.38 -4.22 -13.38
CA GLU B 98 -11.78 -2.83 -13.61
C GLU B 98 -11.00 -1.81 -12.78
N LEU B 99 -10.44 -2.22 -11.65
CA LEU B 99 -9.69 -1.30 -10.80
C LEU B 99 -8.18 -1.44 -11.00
N SER B 100 -7.50 -0.32 -11.24
CA SER B 100 -6.05 -0.31 -11.28
C SER B 100 -5.49 -0.54 -9.87
N GLN B 101 -4.21 -0.85 -9.80
CA GLN B 101 -3.52 -1.02 -8.53
C GLN B 101 -3.69 0.24 -7.66
N ASN B 102 -3.53 1.42 -8.28
CA ASN B 102 -3.74 2.67 -7.57
C ASN B 102 -5.15 2.82 -7.01
N ASP B 103 -6.16 2.49 -7.81
CA ASP B 103 -7.56 2.52 -7.37
C ASP B 103 -7.78 1.70 -6.10
N LYS B 104 -7.27 0.47 -6.10
CA LYS B 104 -7.42 -0.44 -4.96
C LYS B 104 -6.74 0.15 -3.73
N LEU B 105 -5.51 0.64 -3.89
CA LEU B 105 -4.80 1.28 -2.81
C LEU B 105 -5.58 2.47 -2.26
N GLY B 106 -6.33 3.14 -3.13
CA GLY B 106 -7.17 4.26 -2.75
C GLY B 106 -8.51 3.86 -2.16
N TYR B 107 -8.88 2.58 -2.31
CA TYR B 107 -10.08 2.04 -1.67
C TYR B 107 -9.70 0.88 -0.75
N PRO B 108 -9.01 1.18 0.36
CA PRO B 108 -8.38 0.13 1.18
C PRO B 108 -9.31 -0.97 1.71
N ILE B 109 -10.61 -0.72 1.86
CA ILE B 109 -11.50 -1.78 2.33
C ILE B 109 -11.64 -2.92 1.31
N VAL B 110 -11.40 -2.59 0.04
CA VAL B 110 -11.43 -3.57 -1.04
C VAL B 110 -10.28 -4.55 -0.90
N LEU B 111 -9.11 -4.06 -0.48
CA LEU B 111 -7.95 -4.92 -0.28
C LEU B 111 -8.05 -5.71 1.02
N SER B 112 -8.37 -5.03 2.12
CA SER B 112 -8.39 -5.69 3.43
C SER B 112 -9.45 -6.78 3.50
N GLU B 113 -10.55 -6.59 2.78
CA GLU B 113 -11.63 -7.56 2.78
C GLU B 113 -11.63 -8.44 1.53
N ALA B 114 -10.65 -8.25 0.66
CA ALA B 114 -10.49 -9.09 -0.53
C ALA B 114 -11.76 -9.15 -1.36
N LEU B 115 -12.37 -7.99 -1.62
CA LEU B 115 -13.61 -7.94 -2.38
C LEU B 115 -13.34 -8.11 -3.87
N THR B 116 -14.17 -8.90 -4.55
CA THR B 116 -13.99 -9.11 -5.99
C THR B 116 -15.14 -8.51 -6.80
N ALA B 117 -16.18 -8.08 -6.12
CA ALA B 117 -17.24 -7.31 -6.74
C ALA B 117 -17.90 -6.49 -5.65
N MET B 118 -18.50 -5.36 -6.03
CA MET B 118 -19.18 -4.54 -5.03
C MET B 118 -20.19 -3.53 -5.56
N VAL B 119 -21.09 -3.14 -4.65
CA VAL B 119 -22.02 -2.04 -4.86
C VAL B 119 -21.86 -1.10 -3.67
N ALA B 120 -21.54 0.16 -3.94
CA ALA B 120 -21.42 1.17 -2.90
C ALA B 120 -22.54 2.18 -3.07
N ILE B 121 -23.30 2.41 -2.00
CA ILE B 121 -24.51 3.22 -2.10
C ILE B 121 -24.52 4.41 -1.14
N PRO B 122 -24.79 5.62 -1.66
CA PRO B 122 -24.83 6.81 -0.82
C PRO B 122 -25.98 6.77 0.17
N LEU B 123 -25.71 7.16 1.41
CA LEU B 123 -26.75 7.23 2.43
C LEU B 123 -27.21 8.67 2.63
N TRP B 124 -28.38 8.98 2.06
CA TRP B 124 -28.96 10.32 2.15
C TRP B 124 -29.84 10.48 3.38
N LYS B 125 -29.79 11.67 3.97
CA LYS B 125 -30.72 12.08 5.01
C LYS B 125 -30.96 13.58 4.85
N ASN B 126 -32.22 13.97 5.01
CA ASN B 126 -32.65 15.31 4.65
C ASN B 126 -32.32 15.55 3.19
N ASN B 127 -31.39 16.45 2.93
CA ASN B 127 -30.97 16.73 1.56
C ASN B 127 -29.45 16.65 1.44
N ARG B 128 -28.81 15.90 2.32
CA ARG B 128 -27.36 15.74 2.29
C ARG B 128 -26.96 14.28 2.25
N VAL B 129 -25.76 14.01 1.73
CA VAL B 129 -25.22 12.66 1.78
C VAL B 129 -24.44 12.52 3.08
N TYR B 130 -24.87 11.57 3.89
CA TYR B 130 -24.32 11.41 5.23
C TYR B 130 -23.24 10.34 5.23
N GLY B 131 -23.48 9.25 4.52
CA GLY B 131 -22.54 8.14 4.53
C GLY B 131 -22.63 7.23 3.33
N ALA B 132 -22.25 5.98 3.53
CA ALA B 132 -22.20 5.00 2.45
C ALA B 132 -22.52 3.60 2.92
N LEU B 133 -23.26 2.85 2.10
CA LEU B 133 -23.46 1.43 2.35
C LEU B 133 -22.65 0.62 1.32
N LEU B 134 -21.80 -0.28 1.81
CA LEU B 134 -21.02 -1.13 0.92
C LEU B 134 -21.54 -2.58 0.92
N LEU B 135 -21.77 -3.11 -0.27
CA LEU B 135 -22.16 -4.51 -0.43
C LEU B 135 -21.12 -5.18 -1.31
N GLY B 136 -20.53 -6.27 -0.81
CA GLY B 136 -19.40 -6.88 -1.50
C GLY B 136 -19.43 -8.39 -1.59
N GLN B 137 -18.78 -8.91 -2.64
CA GLN B 137 -18.62 -10.35 -2.83
C GLN B 137 -17.15 -10.68 -2.83
N ARG B 138 -16.83 -11.93 -2.49
CA ARG B 138 -15.46 -12.40 -2.51
C ARG B 138 -15.34 -13.59 -3.44
N GLU B 139 -14.11 -13.91 -3.83
CA GLU B 139 -13.79 -15.13 -4.58
C GLU B 139 -14.58 -15.31 -5.88
N GLY B 140 -14.79 -14.21 -6.60
CA GLY B 140 -15.40 -14.26 -7.91
C GLY B 140 -16.89 -14.53 -7.94
N ARG B 141 -17.55 -14.45 -6.78
CA ARG B 141 -19.00 -14.57 -6.77
C ARG B 141 -19.58 -13.32 -7.39
N PRO B 142 -20.41 -13.47 -8.42
CA PRO B 142 -20.95 -12.30 -9.11
C PRO B 142 -21.90 -11.51 -8.21
N LEU B 143 -22.09 -10.23 -8.51
CA LEU B 143 -23.14 -9.46 -7.87
C LEU B 143 -24.46 -10.17 -8.10
N PRO B 144 -25.26 -10.32 -7.04
CA PRO B 144 -26.58 -10.95 -7.14
C PRO B 144 -27.45 -10.18 -8.13
N GLU B 145 -28.32 -10.87 -8.85
CA GLU B 145 -29.14 -10.20 -9.86
C GLU B 145 -30.03 -9.15 -9.19
N GLY B 146 -30.08 -7.96 -9.79
CA GLY B 146 -30.90 -6.89 -9.26
C GLY B 146 -30.22 -6.05 -8.18
N SER B 147 -29.07 -6.52 -7.70
CA SER B 147 -28.37 -5.81 -6.63
C SER B 147 -27.85 -4.42 -7.07
N THR B 148 -27.75 -4.18 -8.36
CA THR B 148 -27.31 -2.87 -8.83
C THR B 148 -28.38 -1.81 -8.63
N THR B 149 -29.64 -2.23 -8.67
CA THR B 149 -30.76 -1.33 -8.37
C THR B 149 -31.22 -1.53 -6.92
N PHE B 150 -30.30 -1.96 -6.07
CA PHE B 150 -30.61 -2.15 -4.65
C PHE B 150 -31.18 -0.89 -4.01
N ARG B 151 -32.15 -1.10 -3.13
CA ARG B 151 -32.83 -0.01 -2.45
C ARG B 151 -32.70 -0.16 -0.94
N ILE B 152 -32.30 0.92 -0.27
CA ILE B 152 -32.28 0.95 1.19
C ILE B 152 -33.70 0.80 1.70
N ASN B 153 -34.44 1.89 1.54
CA ASN B 153 -35.82 2.06 1.98
C ASN B 153 -36.61 0.79 2.29
N GLN B 154 -36.89 0.57 3.57
CA GLN B 154 -36.51 1.50 4.63
C GLN B 154 -35.82 0.74 5.76
N ARG B 155 -34.72 0.07 5.45
CA ARG B 155 -34.09 -0.82 6.42
C ARG B 155 -32.91 -0.20 7.16
N LEU B 156 -32.73 1.10 7.03
CA LEU B 156 -31.58 1.75 7.65
C LEU B 156 -31.95 3.07 8.34
N GLY B 157 -32.99 3.03 9.16
CA GLY B 157 -33.41 4.19 9.90
C GLY B 157 -33.95 5.27 8.99
N SER B 158 -33.49 6.51 9.19
CA SER B 158 -33.94 7.63 8.38
C SER B 158 -33.11 7.79 7.11
N PHE B 159 -32.23 6.82 6.84
CA PHE B 159 -31.40 6.86 5.65
C PHE B 159 -32.14 6.37 4.41
N THR B 160 -31.92 7.07 3.29
CA THR B 160 -32.39 6.60 1.99
C THR B 160 -31.20 6.54 1.04
N ASP B 161 -31.38 5.86 -0.09
CA ASP B 161 -30.43 5.93 -1.19
C ASP B 161 -30.71 7.15 -2.05
N GLU B 162 -30.07 7.23 -3.22
CA GLU B 162 -30.22 8.37 -4.10
C GLU B 162 -31.39 8.22 -5.06
N ILE B 163 -31.89 6.99 -5.20
CA ILE B 163 -32.98 6.71 -6.13
C ILE B 163 -34.29 7.36 -5.69
N ASN B 164 -34.69 7.13 -4.45
CA ASN B 164 -35.85 7.84 -3.91
C ASN B 164 -35.50 8.52 -2.59
N LYS B 165 -35.30 9.84 -2.66
CA LYS B 165 -34.87 10.62 -1.51
C LYS B 165 -35.68 11.91 -1.40
I IOD C . 12.12 -1.13 -2.80
I IOD D . -12.36 2.65 1.51
#